data_1T5J
#
_entry.id   1T5J
#
_cell.length_a   69.775
_cell.length_b   69.775
_cell.length_c   139.724
_cell.angle_alpha   90.00
_cell.angle_beta   90.00
_cell.angle_gamma   90.00
#
_symmetry.space_group_name_H-M   'P 43 21 2'
#
loop_
_entity.id
_entity.type
_entity.pdbx_description
1 polymer 'Hypothetical protein MJ1187'
2 non-polymer 'MAGNESIUM ION'
3 water water
#
_entity_poly.entity_id   1
_entity_poly.type   'polypeptide(L)'
_entity_poly.pdbx_seq_one_letter_code
;MSLVKMRDKILGSVFGAVIGDALGMPTENLTKEEIKKLYGFVDSYVEPKNYLAGKLNKGEWTDDTEQAICLIKSLTKEGI
DIKKFANCLIAWKNKNPPDIGLTSLMAIDKLENNDYSGVDSSSCGAAMRIYPLGIVFHNNLKKLKEEVIKASKITHNNKT
AIAGALAIAFFVSSALKDRKDFSLLDECYNYIKDIDEEFAKKLLEIKNFNNLDYIYDYFGTGVKTDEVVPSAIATYLLTD
NFKEGMLKCINAGGDTDSLASMYGAMAGAYYGFKNIPKEWIDGLKNKEVIFELAERLYHLATEEGGSHHHHHH
;
_entity_poly.pdbx_strand_id   A
#
# COMPACT_ATOMS: atom_id res chain seq x y z
N LEU A 3 11.12 -8.69 19.28
CA LEU A 3 11.52 -10.11 19.09
C LEU A 3 10.33 -10.96 18.66
N VAL A 4 9.61 -11.53 19.64
CA VAL A 4 8.45 -12.36 19.34
C VAL A 4 7.31 -11.46 18.87
N LYS A 5 7.46 -10.17 19.14
CA LYS A 5 6.48 -9.18 18.75
C LYS A 5 6.69 -8.90 17.25
N MET A 6 7.95 -8.86 16.85
CA MET A 6 8.32 -8.62 15.47
C MET A 6 7.51 -9.48 14.50
N ARG A 7 7.30 -10.73 14.87
CA ARG A 7 6.56 -11.66 14.02
C ARG A 7 5.09 -11.28 13.91
N ASP A 8 4.48 -10.87 15.02
CA ASP A 8 3.09 -10.50 15.02
C ASP A 8 2.89 -9.29 14.12
N LYS A 9 3.77 -8.31 14.28
CA LYS A 9 3.72 -7.08 13.50
C LYS A 9 3.88 -7.29 12.00
N ILE A 10 4.86 -8.09 11.60
CA ILE A 10 5.09 -8.35 10.19
C ILE A 10 3.95 -9.18 9.62
N LEU A 11 3.52 -10.18 10.38
CA LEU A 11 2.42 -11.01 9.95
C LEU A 11 1.17 -10.11 9.83
N GLY A 12 1.10 -9.08 10.67
CA GLY A 12 -0.04 -8.18 10.64
C GLY A 12 0.05 -7.16 9.52
N SER A 13 1.27 -6.74 9.19
CA SER A 13 1.51 -5.76 8.13
C SER A 13 1.17 -6.30 6.75
N VAL A 14 1.65 -7.50 6.44
CA VAL A 14 1.42 -8.14 5.16
C VAL A 14 -0.07 -8.44 5.01
N PHE A 15 -0.62 -9.20 5.95
CA PHE A 15 -2.03 -9.51 5.90
C PHE A 15 -2.86 -8.25 6.01
N GLY A 16 -2.28 -7.20 6.57
CA GLY A 16 -3.04 -5.96 6.69
C GLY A 16 -3.15 -5.34 5.32
N ALA A 17 -2.08 -5.41 4.54
CA ALA A 17 -2.06 -4.85 3.20
C ALA A 17 -2.96 -5.64 2.24
N VAL A 18 -2.86 -6.95 2.27
CA VAL A 18 -3.67 -7.77 1.39
C VAL A 18 -5.16 -7.66 1.74
N ILE A 19 -5.47 -7.71 3.04
CA ILE A 19 -6.86 -7.60 3.47
C ILE A 19 -7.48 -6.27 3.04
N GLY A 20 -6.74 -5.18 3.25
CA GLY A 20 -7.24 -3.87 2.87
C GLY A 20 -7.49 -3.80 1.38
N ASP A 21 -6.58 -4.40 0.61
CA ASP A 21 -6.70 -4.42 -0.84
C ASP A 21 -7.97 -5.16 -1.29
N ALA A 22 -8.28 -6.29 -0.65
CA ALA A 22 -9.46 -7.07 -1.00
C ALA A 22 -10.75 -6.43 -0.49
N LEU A 23 -10.70 -5.77 0.65
CA LEU A 23 -11.88 -5.13 1.19
C LEU A 23 -12.24 -3.88 0.38
N GLY A 24 -11.22 -3.23 -0.18
CA GLY A 24 -11.46 -2.03 -0.96
C GLY A 24 -11.76 -2.30 -2.41
N MET A 25 -11.45 -3.52 -2.85
CA MET A 25 -11.69 -3.90 -4.24
C MET A 25 -13.08 -3.59 -4.79
N PRO A 26 -14.14 -3.96 -4.05
CA PRO A 26 -15.53 -3.72 -4.50
C PRO A 26 -15.99 -2.26 -4.46
N THR A 27 -15.19 -1.38 -3.86
CA THR A 27 -15.57 0.02 -3.76
C THR A 27 -14.70 0.95 -4.57
N GLU A 28 -13.72 0.40 -5.27
CA GLU A 28 -12.85 1.22 -6.09
C GLU A 28 -13.59 1.87 -7.26
N ASN A 29 -13.24 3.12 -7.52
CA ASN A 29 -13.82 3.89 -8.60
C ASN A 29 -15.29 4.24 -8.39
N LEU A 30 -15.71 4.25 -7.13
CA LEU A 30 -17.06 4.61 -6.75
C LEU A 30 -17.00 5.82 -5.83
N THR A 31 -18.03 6.66 -5.85
CA THR A 31 -18.07 7.82 -4.98
C THR A 31 -18.71 7.38 -3.68
N LYS A 32 -18.63 8.20 -2.64
CA LYS A 32 -19.23 7.87 -1.35
C LYS A 32 -20.73 7.61 -1.52
N GLU A 33 -21.41 8.48 -2.27
CA GLU A 33 -22.83 8.30 -2.48
C GLU A 33 -23.09 6.94 -3.11
N GLU A 34 -22.30 6.60 -4.12
CA GLU A 34 -22.45 5.32 -4.80
C GLU A 34 -22.24 4.12 -3.87
N ILE A 35 -21.20 4.17 -3.04
CA ILE A 35 -20.94 3.08 -2.11
C ILE A 35 -22.12 2.83 -1.19
N LYS A 36 -22.72 3.90 -0.68
CA LYS A 36 -23.85 3.78 0.22
C LYS A 36 -25.03 3.08 -0.45
N LYS A 37 -25.35 3.51 -1.67
CA LYS A 37 -26.46 2.95 -2.43
C LYS A 37 -26.22 1.50 -2.81
N LEU A 38 -25.04 1.20 -3.32
CA LEU A 38 -24.68 -0.15 -3.77
C LEU A 38 -24.43 -1.09 -2.64
N TYR A 39 -23.94 -0.61 -1.56
CA TYR A 39 -23.74 -1.56 -0.49
C TYR A 39 -24.12 -1.11 0.89
N GLY A 40 -24.28 0.18 1.07
CA GLY A 40 -24.55 0.69 2.40
C GLY A 40 -23.22 0.83 3.10
N PHE A 41 -23.18 0.67 4.44
CA PHE A 41 -21.87 0.76 5.09
C PHE A 41 -21.07 -0.54 4.97
N VAL A 42 -19.95 -0.50 4.25
CA VAL A 42 -19.14 -1.71 4.09
C VAL A 42 -18.36 -2.02 5.36
N ASP A 43 -18.56 -3.22 5.89
CA ASP A 43 -17.91 -3.66 7.11
C ASP A 43 -17.15 -4.96 6.90
N SER A 44 -17.34 -5.59 5.76
CA SER A 44 -16.62 -6.83 5.47
C SER A 44 -16.54 -7.05 3.96
N TYR A 45 -16.04 -8.20 3.54
CA TYR A 45 -15.94 -8.48 2.11
C TYR A 45 -17.34 -8.52 1.50
N VAL A 46 -17.48 -7.98 0.30
CA VAL A 46 -18.77 -7.94 -0.38
C VAL A 46 -18.58 -8.29 -1.85
N GLU A 47 -19.62 -8.81 -2.49
CA GLU A 47 -19.52 -9.14 -3.91
C GLU A 47 -19.55 -7.82 -4.69
N PRO A 48 -18.55 -7.60 -5.56
CA PRO A 48 -18.45 -6.38 -6.37
C PRO A 48 -19.61 -6.00 -7.29
N LYS A 49 -19.94 -4.73 -7.27
CA LYS A 49 -21.01 -4.16 -8.08
C LYS A 49 -20.44 -2.95 -8.80
N ASN A 50 -19.12 -2.80 -8.77
CA ASN A 50 -18.49 -1.69 -9.46
C ASN A 50 -18.02 -2.24 -10.81
N TYR A 51 -17.03 -1.60 -11.42
CA TYR A 51 -16.55 -2.04 -12.71
C TYR A 51 -15.88 -3.41 -12.69
N LEU A 52 -15.69 -3.98 -11.50
CA LEU A 52 -15.04 -5.29 -11.39
C LEU A 52 -16.01 -6.42 -11.21
N ALA A 53 -17.31 -6.11 -11.22
CA ALA A 53 -18.34 -7.13 -11.07
C ALA A 53 -18.17 -8.18 -12.17
N GLY A 54 -18.05 -9.44 -11.75
CA GLY A 54 -17.87 -10.52 -12.70
C GLY A 54 -16.40 -10.82 -12.89
N LYS A 55 -15.59 -9.77 -12.98
CA LYS A 55 -14.16 -9.94 -13.17
C LYS A 55 -13.40 -10.50 -11.96
N LEU A 56 -13.86 -10.20 -10.75
CA LEU A 56 -13.21 -10.69 -9.52
C LEU A 56 -14.22 -11.12 -8.45
N ASN A 57 -13.92 -12.24 -7.77
CA ASN A 57 -14.81 -12.73 -6.72
C ASN A 57 -14.44 -12.13 -5.35
N LYS A 58 -15.42 -11.98 -4.48
CA LYS A 58 -15.18 -11.39 -3.16
C LYS A 58 -14.21 -12.18 -2.31
N GLY A 59 -13.31 -11.46 -1.65
CA GLY A 59 -12.31 -12.08 -0.81
C GLY A 59 -10.99 -12.22 -1.56
N GLU A 60 -10.98 -11.77 -2.81
CA GLU A 60 -9.78 -11.84 -3.63
C GLU A 60 -9.04 -10.52 -3.66
N TRP A 61 -7.72 -10.58 -3.76
CA TRP A 61 -6.91 -9.37 -3.81
C TRP A 61 -6.68 -8.92 -5.25
N THR A 62 -6.35 -7.65 -5.43
CA THR A 62 -6.16 -7.13 -6.77
C THR A 62 -4.72 -6.97 -7.21
N ASP A 63 -4.52 -6.10 -8.20
CA ASP A 63 -3.22 -5.80 -8.77
C ASP A 63 -2.28 -5.28 -7.69
N ASP A 64 -2.82 -4.56 -6.70
CA ASP A 64 -1.99 -4.05 -5.63
C ASP A 64 -1.20 -5.20 -5.01
N THR A 65 -1.88 -6.22 -4.50
CA THR A 65 -1.20 -7.35 -3.88
C THR A 65 -0.32 -8.13 -4.86
N GLU A 66 -0.75 -8.20 -6.11
CA GLU A 66 0.01 -8.92 -7.13
C GLU A 66 1.39 -8.31 -7.34
N GLN A 67 1.46 -7.00 -7.52
CA GLN A 67 2.73 -6.33 -7.72
C GLN A 67 3.59 -6.44 -6.46
N ALA A 68 2.93 -6.50 -5.30
CA ALA A 68 3.63 -6.60 -4.03
C ALA A 68 4.26 -7.99 -3.95
N ILE A 69 3.51 -9.01 -4.39
CA ILE A 69 4.02 -10.38 -4.38
C ILE A 69 5.26 -10.41 -5.28
N CYS A 70 5.21 -9.65 -6.37
CA CYS A 70 6.35 -9.59 -7.27
C CYS A 70 7.57 -9.08 -6.52
N LEU A 71 7.45 -7.90 -5.93
CA LEU A 71 8.56 -7.29 -5.19
C LEU A 71 9.09 -8.12 -4.02
N ILE A 72 8.21 -8.88 -3.37
CA ILE A 72 8.60 -9.72 -2.24
C ILE A 72 9.47 -10.89 -2.70
N LYS A 73 9.16 -11.45 -3.87
CA LYS A 73 9.92 -12.59 -4.40
C LYS A 73 11.29 -12.19 -4.94
N SER A 74 11.50 -10.91 -5.20
CA SER A 74 12.77 -10.43 -5.72
C SER A 74 13.60 -9.80 -4.61
N LEU A 75 13.26 -10.09 -3.36
CA LEU A 75 13.98 -9.51 -2.25
C LEU A 75 14.92 -10.46 -1.52
N THR A 76 15.96 -9.87 -0.94
CA THR A 76 16.97 -10.59 -0.18
C THR A 76 17.61 -9.59 0.78
N LYS A 77 18.59 -10.05 1.55
CA LYS A 77 19.27 -9.16 2.47
C LYS A 77 20.03 -8.14 1.63
N GLU A 78 20.43 -8.57 0.43
CA GLU A 78 21.17 -7.73 -0.50
C GLU A 78 20.25 -6.68 -1.10
N GLY A 79 18.95 -6.85 -0.89
CA GLY A 79 18.00 -5.90 -1.43
C GLY A 79 17.14 -6.45 -2.55
N ILE A 80 16.69 -5.56 -3.42
CA ILE A 80 15.84 -5.96 -4.53
C ILE A 80 16.62 -6.33 -5.79
N ASP A 81 16.25 -7.46 -6.37
CA ASP A 81 16.84 -7.97 -7.61
C ASP A 81 15.94 -7.51 -8.75
N ILE A 82 16.20 -6.30 -9.25
CA ILE A 82 15.39 -5.69 -10.29
C ILE A 82 15.01 -6.55 -11.48
N LYS A 83 15.93 -7.38 -11.95
CA LYS A 83 15.60 -8.24 -13.07
C LYS A 83 14.46 -9.17 -12.68
N LYS A 84 14.66 -9.95 -11.62
CA LYS A 84 13.65 -10.90 -11.15
C LYS A 84 12.31 -10.23 -10.90
N PHE A 85 12.37 -8.99 -10.43
CA PHE A 85 11.19 -8.20 -10.15
C PHE A 85 10.44 -7.91 -11.44
N ALA A 86 11.10 -7.21 -12.37
CA ALA A 86 10.51 -6.87 -13.66
C ALA A 86 9.93 -8.09 -14.38
N ASN A 87 10.65 -9.20 -14.36
CA ASN A 87 10.19 -10.41 -15.04
C ASN A 87 8.90 -10.97 -14.44
N CYS A 88 8.74 -10.83 -13.14
CA CYS A 88 7.56 -11.33 -12.45
C CYS A 88 6.36 -10.41 -12.76
N LEU A 89 6.62 -9.11 -12.85
CA LEU A 89 5.58 -8.15 -13.15
C LEU A 89 5.05 -8.46 -14.54
N ILE A 90 5.97 -8.78 -15.44
CA ILE A 90 5.64 -9.12 -16.82
C ILE A 90 4.78 -10.39 -16.80
N ALA A 91 5.23 -11.37 -16.03
CA ALA A 91 4.51 -12.64 -15.92
C ALA A 91 3.04 -12.40 -15.57
N TRP A 92 2.81 -11.57 -14.58
CA TRP A 92 1.46 -11.25 -14.16
C TRP A 92 0.73 -10.45 -15.23
N LYS A 93 1.44 -9.48 -15.82
CA LYS A 93 0.87 -8.63 -16.85
C LYS A 93 0.39 -9.45 -18.05
N ASN A 94 1.10 -10.53 -18.36
CA ASN A 94 0.72 -11.37 -19.49
C ASN A 94 -0.36 -12.39 -19.11
N LYS A 95 -0.82 -12.35 -17.86
CA LYS A 95 -1.86 -13.28 -17.43
C LYS A 95 -3.24 -12.65 -17.62
N ASN A 96 -3.26 -11.46 -18.21
CA ASN A 96 -4.50 -10.73 -18.48
C ASN A 96 -5.23 -10.27 -17.22
N PRO A 97 -4.56 -9.45 -16.40
CA PRO A 97 -5.22 -8.96 -15.18
C PRO A 97 -6.45 -8.17 -15.57
N PRO A 98 -7.56 -8.36 -14.85
CA PRO A 98 -8.81 -7.66 -15.13
C PRO A 98 -8.80 -6.25 -14.58
N ASP A 99 -7.86 -5.99 -13.67
CA ASP A 99 -7.81 -4.70 -13.00
C ASP A 99 -6.47 -3.97 -13.05
N ILE A 100 -5.61 -4.34 -13.99
CA ILE A 100 -4.33 -3.68 -14.08
C ILE A 100 -4.50 -2.22 -14.48
N GLY A 101 -3.68 -1.34 -13.88
CA GLY A 101 -3.76 0.08 -14.18
C GLY A 101 -3.10 0.49 -15.48
N LEU A 102 -3.45 1.67 -15.98
CA LEU A 102 -2.87 2.16 -17.24
C LEU A 102 -1.38 2.34 -17.09
N THR A 103 -0.98 2.97 -15.99
CA THR A 103 0.43 3.20 -15.73
C THR A 103 1.19 1.89 -15.68
N SER A 104 0.71 0.94 -14.88
CA SER A 104 1.37 -0.36 -14.77
C SER A 104 1.43 -1.07 -16.12
N LEU A 105 0.41 -0.82 -16.95
CA LEU A 105 0.36 -1.43 -18.26
C LEU A 105 1.51 -0.94 -19.11
N MET A 106 1.59 0.39 -19.27
CA MET A 106 2.63 1.03 -20.05
C MET A 106 4.04 0.73 -19.54
N ALA A 107 4.17 0.68 -18.21
CA ALA A 107 5.45 0.42 -17.59
C ALA A 107 5.91 -1.03 -17.76
N ILE A 108 5.01 -1.98 -17.53
CA ILE A 108 5.40 -3.37 -17.68
C ILE A 108 5.62 -3.68 -19.16
N ASP A 109 5.23 -2.75 -20.01
CA ASP A 109 5.41 -2.90 -21.45
C ASP A 109 6.85 -2.56 -21.82
N LYS A 110 7.33 -1.45 -21.27
CA LYS A 110 8.70 -1.00 -21.52
C LYS A 110 9.68 -1.99 -20.88
N LEU A 111 9.25 -2.65 -19.81
CA LEU A 111 10.13 -3.61 -19.15
C LEU A 111 10.31 -4.84 -20.03
N GLU A 112 9.38 -5.04 -20.96
CA GLU A 112 9.46 -6.16 -21.88
C GLU A 112 10.51 -5.85 -22.95
N ASN A 113 10.71 -4.56 -23.23
CA ASN A 113 11.70 -4.15 -24.21
C ASN A 113 12.99 -3.78 -23.48
N ASN A 114 13.25 -4.51 -22.39
CA ASN A 114 14.44 -4.30 -21.57
C ASN A 114 14.71 -2.82 -21.31
N ASP A 115 13.63 -2.05 -21.28
CA ASP A 115 13.69 -0.62 -21.03
C ASP A 115 13.25 -0.39 -19.59
N TYR A 116 14.18 -0.03 -18.71
CA TYR A 116 13.87 0.18 -17.31
C TYR A 116 13.81 1.66 -16.92
N SER A 117 13.42 2.51 -17.86
CA SER A 117 13.34 3.94 -17.59
C SER A 117 12.00 4.29 -16.96
N GLY A 118 11.02 3.39 -17.11
CA GLY A 118 9.69 3.60 -16.57
C GLY A 118 8.93 4.81 -17.10
N VAL A 119 7.60 4.76 -16.98
CA VAL A 119 6.72 5.82 -17.42
C VAL A 119 6.76 6.97 -16.42
N ASP A 120 6.20 8.11 -16.78
CA ASP A 120 6.19 9.28 -15.89
C ASP A 120 4.80 9.71 -15.41
N SER A 121 4.32 9.09 -14.32
CA SER A 121 3.02 9.44 -13.75
C SER A 121 3.10 9.42 -12.23
N SER A 122 2.30 10.27 -11.61
CA SER A 122 2.28 10.33 -10.16
C SER A 122 1.29 9.35 -9.52
N SER A 123 0.78 8.39 -10.29
CA SER A 123 -0.16 7.43 -9.74
C SER A 123 0.54 6.59 -8.64
N CYS A 124 -0.25 6.18 -7.63
CA CYS A 124 0.27 5.42 -6.49
C CYS A 124 0.75 4.01 -6.78
N GLY A 125 0.99 3.69 -8.04
CA GLY A 125 1.45 2.35 -8.38
C GLY A 125 2.66 1.91 -7.59
N ALA A 126 3.58 2.84 -7.38
CA ALA A 126 4.81 2.56 -6.66
C ALA A 126 4.59 2.42 -5.15
N ALA A 127 3.79 3.33 -4.58
CA ALA A 127 3.50 3.32 -3.15
C ALA A 127 2.62 2.16 -2.64
N MET A 128 1.79 1.58 -3.52
CA MET A 128 0.91 0.49 -3.10
C MET A 128 1.63 -0.84 -2.92
N ARG A 129 2.88 -0.92 -3.35
CA ARG A 129 3.64 -2.16 -3.23
C ARG A 129 4.96 -2.01 -2.48
N ILE A 130 5.10 -0.91 -1.77
CA ILE A 130 6.38 -0.62 -1.12
C ILE A 130 6.56 -1.19 0.29
N TYR A 131 5.47 -1.52 0.97
CA TYR A 131 5.57 -1.99 2.36
C TYR A 131 6.60 -3.09 2.58
N PRO A 132 6.78 -4.05 1.65
CA PRO A 132 7.75 -5.11 1.89
C PRO A 132 9.14 -4.56 2.17
N LEU A 133 9.49 -3.45 1.55
CA LEU A 133 10.80 -2.86 1.80
C LEU A 133 10.81 -2.28 3.21
N GLY A 134 9.76 -1.55 3.55
CA GLY A 134 9.66 -0.95 4.87
C GLY A 134 9.84 -1.98 5.95
N ILE A 135 9.49 -3.22 5.62
CA ILE A 135 9.62 -4.31 6.59
C ILE A 135 11.07 -4.74 6.68
N VAL A 136 11.58 -5.31 5.59
CA VAL A 136 12.95 -5.80 5.54
C VAL A 136 14.02 -4.79 5.96
N PHE A 137 13.82 -3.51 5.70
CA PHE A 137 14.82 -2.51 6.07
C PHE A 137 14.31 -1.44 7.03
N HIS A 138 13.58 -1.85 8.06
CA HIS A 138 13.01 -0.93 9.04
C HIS A 138 14.06 -0.14 9.81
N ASN A 139 15.24 -0.73 9.97
CA ASN A 139 16.32 -0.07 10.70
C ASN A 139 17.15 0.85 9.80
N ASN A 140 17.55 0.34 8.65
CA ASN A 140 18.37 1.10 7.72
C ASN A 140 17.59 2.07 6.84
N LEU A 141 17.28 3.23 7.39
CA LEU A 141 16.53 4.24 6.64
C LEU A 141 17.25 4.74 5.39
N LYS A 142 18.58 4.65 5.37
CA LYS A 142 19.32 5.11 4.20
C LYS A 142 19.26 4.02 3.14
N LYS A 143 19.39 2.78 3.58
CA LYS A 143 19.32 1.63 2.68
C LYS A 143 17.91 1.45 2.14
N LEU A 144 16.93 1.80 2.97
CA LEU A 144 15.52 1.71 2.58
C LEU A 144 15.30 2.70 1.44
N LYS A 145 15.76 3.92 1.64
CA LYS A 145 15.59 4.95 0.62
C LYS A 145 16.17 4.52 -0.71
N GLU A 146 17.33 3.91 -0.68
CA GLU A 146 17.98 3.46 -1.91
C GLU A 146 17.12 2.44 -2.61
N GLU A 147 16.80 1.35 -1.92
CA GLU A 147 16.00 0.30 -2.49
C GLU A 147 14.59 0.74 -2.89
N VAL A 148 14.07 1.77 -2.23
CA VAL A 148 12.75 2.29 -2.52
C VAL A 148 12.71 3.04 -3.84
N ILE A 149 13.65 3.98 -4.02
CA ILE A 149 13.73 4.74 -5.26
C ILE A 149 14.03 3.80 -6.41
N LYS A 150 14.92 2.85 -6.14
CA LYS A 150 15.30 1.87 -7.11
C LYS A 150 14.11 1.04 -7.61
N ALA A 151 13.45 0.34 -6.69
CA ALA A 151 12.31 -0.52 -7.01
C ALA A 151 11.11 0.17 -7.63
N SER A 152 10.93 1.46 -7.38
CA SER A 152 9.79 2.18 -7.95
C SER A 152 10.15 3.10 -9.12
N LYS A 153 11.44 3.33 -9.35
CA LYS A 153 11.86 4.19 -10.45
C LYS A 153 11.62 3.49 -11.78
N ILE A 154 11.97 2.21 -11.85
CA ILE A 154 11.80 1.43 -13.07
C ILE A 154 10.38 1.46 -13.63
N THR A 155 9.40 1.73 -12.78
CA THR A 155 8.00 1.76 -13.19
C THR A 155 7.41 3.16 -13.17
N HIS A 156 7.57 3.86 -12.04
CA HIS A 156 7.03 5.21 -11.92
C HIS A 156 8.16 6.20 -11.74
N ASN A 157 8.78 6.62 -12.83
CA ASN A 157 9.87 7.58 -12.76
C ASN A 157 9.27 8.97 -12.63
N ASN A 158 8.74 9.25 -11.44
CA ASN A 158 8.13 10.53 -11.13
C ASN A 158 8.48 10.92 -9.68
N LYS A 159 8.98 12.14 -9.48
CA LYS A 159 9.38 12.54 -8.13
C LYS A 159 8.26 12.37 -7.11
N THR A 160 7.05 12.80 -7.46
CA THR A 160 5.93 12.66 -6.54
C THR A 160 5.64 11.20 -6.26
N ALA A 161 5.62 10.38 -7.30
CA ALA A 161 5.36 8.95 -7.12
C ALA A 161 6.39 8.33 -6.16
N ILE A 162 7.65 8.71 -6.34
CA ILE A 162 8.73 8.20 -5.52
C ILE A 162 8.68 8.77 -4.10
N ALA A 163 8.42 10.08 -4.00
CA ALA A 163 8.33 10.72 -2.69
C ALA A 163 7.23 10.05 -1.87
N GLY A 164 6.15 9.65 -2.54
CA GLY A 164 5.05 8.99 -1.85
C GLY A 164 5.40 7.59 -1.32
N ALA A 165 6.04 6.78 -2.16
CA ALA A 165 6.41 5.43 -1.75
C ALA A 165 7.33 5.50 -0.53
N LEU A 166 8.14 6.55 -0.47
CA LEU A 166 9.06 6.73 0.65
C LEU A 166 8.35 7.03 1.97
N ALA A 167 7.35 7.89 1.92
CA ALA A 167 6.61 8.21 3.13
C ALA A 167 6.06 6.91 3.70
N ILE A 168 5.44 6.10 2.84
CA ILE A 168 4.87 4.83 3.26
C ILE A 168 5.90 3.88 3.86
N ALA A 169 6.99 3.65 3.13
CA ALA A 169 8.03 2.76 3.63
C ALA A 169 8.46 3.31 4.98
N PHE A 170 8.56 4.65 5.05
CA PHE A 170 8.96 5.32 6.27
C PHE A 170 8.01 4.97 7.41
N PHE A 171 6.72 5.19 7.20
CA PHE A 171 5.73 4.89 8.23
C PHE A 171 5.63 3.41 8.57
N VAL A 172 5.87 2.52 7.61
CA VAL A 172 5.82 1.09 7.90
C VAL A 172 6.96 0.73 8.86
N SER A 173 8.17 1.21 8.58
CA SER A 173 9.29 0.90 9.45
C SER A 173 9.08 1.52 10.84
N SER A 174 8.52 2.73 10.89
CA SER A 174 8.27 3.38 12.18
C SER A 174 7.22 2.59 12.98
N ALA A 175 6.20 2.08 12.28
CA ALA A 175 5.15 1.31 12.92
C ALA A 175 5.74 0.06 13.53
N LEU A 176 6.74 -0.50 12.86
CA LEU A 176 7.41 -1.69 13.35
C LEU A 176 8.18 -1.40 14.65
N LYS A 177 8.51 -0.13 14.88
CA LYS A 177 9.22 0.29 16.07
C LYS A 177 8.21 0.90 17.05
N ASP A 178 6.99 0.37 17.04
CA ASP A 178 5.93 0.87 17.89
C ASP A 178 5.87 2.40 17.94
N ARG A 179 6.23 3.02 16.83
CA ARG A 179 6.20 4.48 16.71
C ARG A 179 4.90 4.86 16.00
N LYS A 180 4.14 5.76 16.62
CA LYS A 180 2.89 6.20 16.02
C LYS A 180 2.38 7.49 16.66
N ASP A 181 2.90 8.62 16.20
CA ASP A 181 2.50 9.91 16.71
C ASP A 181 2.75 10.98 15.65
N PHE A 182 2.24 12.18 15.89
CA PHE A 182 2.38 13.22 14.90
C PHE A 182 3.75 13.79 14.69
N SER A 183 4.71 13.39 15.50
CA SER A 183 6.06 13.89 15.31
C SER A 183 6.62 13.21 14.06
N LEU A 184 6.07 12.05 13.71
CA LEU A 184 6.51 11.31 12.54
C LEU A 184 6.35 12.15 11.28
N LEU A 185 5.29 12.97 11.25
CA LEU A 185 5.02 13.83 10.10
C LEU A 185 6.13 14.84 9.83
N ASP A 186 6.74 15.37 10.87
CA ASP A 186 7.81 16.34 10.67
C ASP A 186 9.14 15.65 10.41
N GLU A 187 9.21 14.35 10.70
CA GLU A 187 10.44 13.59 10.47
C GLU A 187 10.47 13.03 9.05
N CYS A 188 9.32 12.54 8.60
CA CYS A 188 9.16 11.97 7.28
C CYS A 188 9.38 13.09 6.25
N TYR A 189 8.87 14.27 6.58
CA TYR A 189 9.01 15.44 5.74
C TYR A 189 10.48 15.65 5.36
N ASN A 190 11.36 15.52 6.33
CA ASN A 190 12.78 15.70 6.09
C ASN A 190 13.34 14.51 5.35
N TYR A 191 12.73 13.36 5.53
CA TYR A 191 13.18 12.15 4.89
C TYR A 191 12.92 12.15 3.38
N ILE A 192 11.87 12.85 2.96
CA ILE A 192 11.51 12.88 1.54
C ILE A 192 11.60 14.23 0.83
N LYS A 193 11.49 15.32 1.58
CA LYS A 193 11.54 16.68 1.02
C LYS A 193 12.59 16.90 -0.07
N ASP A 194 13.68 16.15 -0.01
CA ASP A 194 14.76 16.28 -0.99
C ASP A 194 14.42 15.58 -2.31
N ILE A 195 13.20 15.05 -2.37
CA ILE A 195 12.72 14.36 -3.55
C ILE A 195 11.50 15.10 -4.08
N ASP A 196 10.80 15.80 -3.19
CA ASP A 196 9.63 16.57 -3.58
C ASP A 196 9.13 17.42 -2.41
N GLU A 197 9.66 18.62 -2.27
CA GLU A 197 9.24 19.51 -1.18
C GLU A 197 7.74 19.80 -1.19
N GLU A 198 7.16 19.93 -2.37
CA GLU A 198 5.72 20.23 -2.50
C GLU A 198 4.82 19.11 -1.97
N PHE A 199 5.28 17.87 -2.10
CA PHE A 199 4.53 16.73 -1.60
C PHE A 199 4.72 16.66 -0.09
N ALA A 200 5.98 16.59 0.34
CA ALA A 200 6.29 16.51 1.75
C ALA A 200 5.57 17.60 2.53
N LYS A 201 5.47 18.79 1.93
CA LYS A 201 4.81 19.91 2.58
C LYS A 201 3.31 19.65 2.68
N LYS A 202 2.85 18.68 1.91
CA LYS A 202 1.44 18.33 1.94
C LYS A 202 1.16 17.39 3.10
N LEU A 203 2.15 16.58 3.46
CA LEU A 203 1.98 15.65 4.58
C LEU A 203 1.83 16.44 5.88
N LEU A 204 2.56 17.54 5.97
CA LEU A 204 2.53 18.37 7.15
C LEU A 204 1.17 19.00 7.38
N GLU A 205 0.37 19.06 6.34
CA GLU A 205 -0.94 19.66 6.50
C GLU A 205 -1.89 18.80 7.32
N ILE A 206 -1.55 17.53 7.48
CA ILE A 206 -2.36 16.62 8.27
C ILE A 206 -2.41 17.11 9.72
N LYS A 207 -1.35 17.80 10.13
CA LYS A 207 -1.25 18.34 11.49
C LYS A 207 -2.40 19.26 11.81
N ASN A 208 -3.09 19.75 10.79
CA ASN A 208 -4.17 20.69 11.00
C ASN A 208 -5.57 20.07 10.96
N PHE A 209 -5.63 18.75 10.82
CA PHE A 209 -6.92 18.06 10.78
C PHE A 209 -7.08 17.09 11.92
N ASN A 210 -8.33 16.76 12.21
CA ASN A 210 -8.67 15.84 13.27
C ASN A 210 -9.88 15.00 12.87
N ASN A 211 -10.48 15.35 11.73
CA ASN A 211 -11.65 14.64 11.22
C ASN A 211 -11.35 14.07 9.82
N LEU A 212 -11.12 12.76 9.74
CA LEU A 212 -10.80 12.08 8.48
C LEU A 212 -11.71 12.41 7.30
N ASP A 213 -13.01 12.56 7.56
CA ASP A 213 -13.91 12.89 6.46
C ASP A 213 -13.44 14.14 5.73
N TYR A 214 -13.13 15.19 6.47
CA TYR A 214 -12.65 16.43 5.85
C TYR A 214 -11.31 16.16 5.15
N ILE A 215 -10.46 15.38 5.80
CA ILE A 215 -9.15 15.01 5.26
C ILE A 215 -9.30 14.42 3.85
N TYR A 216 -10.20 13.45 3.70
CA TYR A 216 -10.43 12.83 2.40
C TYR A 216 -10.95 13.82 1.39
N ASP A 217 -11.76 14.77 1.86
CA ASP A 217 -12.35 15.79 0.99
C ASP A 217 -11.38 16.90 0.67
N TYR A 218 -10.29 16.95 1.42
CA TYR A 218 -9.29 17.98 1.21
C TYR A 218 -8.17 17.48 0.27
N PHE A 219 -7.54 16.36 0.62
CA PHE A 219 -6.48 15.77 -0.18
C PHE A 219 -7.02 15.02 -1.40
N GLY A 220 -8.12 14.30 -1.20
CA GLY A 220 -8.69 13.51 -2.27
C GLY A 220 -8.35 12.04 -2.06
N THR A 221 -9.09 11.17 -2.72
CA THR A 221 -8.84 9.74 -2.56
C THR A 221 -8.59 9.00 -3.87
N GLY A 222 -8.34 9.77 -4.93
CA GLY A 222 -8.08 9.20 -6.25
C GLY A 222 -6.74 8.49 -6.34
N VAL A 223 -6.35 8.08 -7.55
CA VAL A 223 -5.08 7.37 -7.76
C VAL A 223 -3.81 8.20 -7.67
N LYS A 224 -3.92 9.52 -7.76
CA LYS A 224 -2.74 10.35 -7.69
C LYS A 224 -2.08 10.16 -6.32
N THR A 225 -0.79 9.87 -6.31
CA THR A 225 -0.02 9.66 -5.08
C THR A 225 -0.21 10.73 -4.01
N ASP A 226 -0.31 11.99 -4.44
CA ASP A 226 -0.48 13.09 -3.50
C ASP A 226 -1.92 13.22 -3.01
N GLU A 227 -2.67 12.15 -3.19
CA GLU A 227 -4.06 12.09 -2.75
C GLU A 227 -4.20 10.94 -1.75
N VAL A 228 -4.02 9.72 -2.23
CA VAL A 228 -4.14 8.54 -1.40
C VAL A 228 -3.07 8.36 -0.33
N VAL A 229 -1.81 8.62 -0.67
CA VAL A 229 -0.74 8.47 0.31
C VAL A 229 -0.92 9.38 1.53
N PRO A 230 -1.11 10.70 1.31
CA PRO A 230 -1.28 11.58 2.46
C PRO A 230 -2.52 11.24 3.29
N SER A 231 -3.66 10.99 2.65
CA SER A 231 -4.85 10.68 3.41
C SER A 231 -4.82 9.25 4.00
N ALA A 232 -3.93 8.41 3.51
CA ALA A 232 -3.82 7.07 4.07
C ALA A 232 -3.01 7.23 5.35
N ILE A 233 -1.91 7.99 5.27
CA ILE A 233 -1.06 8.25 6.44
C ILE A 233 -1.90 8.92 7.50
N ALA A 234 -2.80 9.80 7.06
CA ALA A 234 -3.69 10.54 7.94
C ALA A 234 -4.70 9.63 8.65
N THR A 235 -5.11 8.54 7.98
CA THR A 235 -6.07 7.63 8.59
C THR A 235 -5.33 6.84 9.65
N TYR A 236 -4.13 6.42 9.31
CA TYR A 236 -3.31 5.67 10.26
C TYR A 236 -3.14 6.48 11.56
N LEU A 237 -2.73 7.74 11.42
CA LEU A 237 -2.51 8.59 12.59
C LEU A 237 -3.75 9.06 13.36
N LEU A 238 -4.88 9.16 12.65
CA LEU A 238 -6.09 9.64 13.29
C LEU A 238 -7.06 8.60 13.83
N THR A 239 -6.69 7.29 13.77
CA THR A 239 -7.50 6.20 14.36
C THR A 239 -6.67 5.45 15.45
N ASP A 240 -7.42 4.85 16.36
CA ASP A 240 -6.86 4.22 17.58
C ASP A 240 -6.84 2.69 17.55
N ASN A 241 -7.37 2.06 16.50
CA ASN A 241 -7.29 0.61 16.37
C ASN A 241 -7.37 0.23 14.90
N PHE A 242 -6.88 -0.95 14.57
CA PHE A 242 -6.84 -1.44 13.19
C PHE A 242 -8.15 -1.37 12.43
N LYS A 243 -9.19 -1.94 13.00
CA LYS A 243 -10.50 -1.96 12.37
C LYS A 243 -11.05 -0.58 12.02
N GLU A 244 -11.07 0.32 13.00
CA GLU A 244 -11.57 1.67 12.78
C GLU A 244 -11.02 2.33 11.52
N GLY A 245 -9.70 2.32 11.38
CA GLY A 245 -9.08 2.90 10.19
C GLY A 245 -9.55 2.28 8.89
N MET A 246 -9.48 0.99 8.75
CA MET A 246 -9.91 0.36 7.54
C MET A 246 -11.36 0.73 7.16
N LEU A 247 -12.33 0.73 8.08
CA LEU A 247 -13.69 1.08 7.69
C LEU A 247 -13.73 2.45 7.02
N LYS A 248 -12.90 3.35 7.52
CA LYS A 248 -12.83 4.69 6.92
C LYS A 248 -12.30 4.62 5.49
N CYS A 249 -11.26 3.82 5.30
CA CYS A 249 -10.66 3.66 3.99
C CYS A 249 -11.60 3.08 2.94
N ILE A 250 -12.14 1.89 3.22
CA ILE A 250 -13.00 1.22 2.26
C ILE A 250 -14.31 1.93 1.94
N ASN A 251 -14.74 2.85 2.81
CA ASN A 251 -15.97 3.57 2.54
C ASN A 251 -15.69 4.98 2.01
N ALA A 252 -14.42 5.31 1.87
CA ALA A 252 -14.01 6.64 1.42
C ALA A 252 -14.41 7.01 -0.01
N GLY A 253 -14.44 6.02 -0.89
CA GLY A 253 -14.77 6.27 -2.28
C GLY A 253 -13.45 6.55 -3.02
N GLY A 254 -13.47 6.43 -4.34
CA GLY A 254 -12.26 6.69 -5.10
C GLY A 254 -11.42 5.44 -5.29
N ASP A 255 -10.12 5.58 -5.06
CA ASP A 255 -9.12 4.51 -5.15
C ASP A 255 -8.98 3.91 -3.74
N THR A 256 -10.08 3.30 -3.32
CA THR A 256 -10.23 2.68 -2.00
C THR A 256 -9.29 1.52 -1.79
N ASP A 257 -9.13 0.68 -2.80
CA ASP A 257 -8.26 -0.49 -2.70
C ASP A 257 -6.81 -0.15 -2.35
N SER A 258 -6.28 0.91 -2.94
CA SER A 258 -4.90 1.30 -2.67
C SER A 258 -4.82 2.06 -1.34
N LEU A 259 -5.84 2.86 -1.06
CA LEU A 259 -5.89 3.61 0.19
C LEU A 259 -5.89 2.57 1.30
N ALA A 260 -6.84 1.65 1.22
CA ALA A 260 -6.99 0.57 2.20
C ALA A 260 -5.75 -0.29 2.37
N SER A 261 -5.14 -0.67 1.26
CA SER A 261 -3.96 -1.50 1.26
C SER A 261 -2.80 -0.81 1.97
N MET A 262 -2.63 0.49 1.70
CA MET A 262 -1.54 1.23 2.31
C MET A 262 -1.79 1.47 3.79
N TYR A 263 -3.03 1.69 4.15
CA TYR A 263 -3.37 1.91 5.56
C TYR A 263 -3.10 0.60 6.31
N GLY A 264 -3.52 -0.51 5.71
CA GLY A 264 -3.35 -1.80 6.33
C GLY A 264 -1.91 -2.21 6.55
N ALA A 265 -1.03 -1.79 5.65
CA ALA A 265 0.38 -2.10 5.78
C ALA A 265 0.91 -1.42 7.03
N MET A 266 0.57 -0.14 7.21
CA MET A 266 1.00 0.61 8.38
C MET A 266 0.28 0.09 9.64
N ALA A 267 -1.04 0.12 9.62
CA ALA A 267 -1.82 -0.33 10.76
C ALA A 267 -1.48 -1.77 11.16
N GLY A 268 -1.30 -2.65 10.17
CA GLY A 268 -0.95 -4.03 10.46
C GLY A 268 0.37 -4.10 11.22
N ALA A 269 1.37 -3.39 10.70
CA ALA A 269 2.69 -3.33 11.32
C ALA A 269 2.65 -2.85 12.77
N TYR A 270 1.90 -1.78 13.02
CA TYR A 270 1.79 -1.25 14.37
C TYR A 270 0.92 -2.06 15.32
N TYR A 271 -0.33 -2.29 14.91
CA TYR A 271 -1.27 -3.01 15.76
C TYR A 271 -1.04 -4.51 15.91
N GLY A 272 -0.50 -5.16 14.88
CA GLY A 272 -0.28 -6.58 14.98
C GLY A 272 -1.39 -7.43 14.38
N PHE A 273 -1.04 -8.67 14.03
CA PHE A 273 -1.98 -9.62 13.43
C PHE A 273 -3.15 -9.95 14.33
N LYS A 274 -2.85 -10.23 15.59
CA LYS A 274 -3.88 -10.58 16.58
C LYS A 274 -4.95 -9.49 16.76
N ASN A 275 -4.66 -8.27 16.30
CA ASN A 275 -5.61 -7.16 16.42
C ASN A 275 -6.47 -6.98 15.20
N ILE A 276 -6.21 -7.79 14.17
CA ILE A 276 -6.98 -7.76 12.94
C ILE A 276 -8.26 -8.60 13.13
N PRO A 277 -9.44 -8.01 12.89
CA PRO A 277 -10.71 -8.74 13.03
C PRO A 277 -10.59 -10.08 12.34
N LYS A 278 -10.88 -11.15 13.07
CA LYS A 278 -10.77 -12.51 12.54
C LYS A 278 -11.66 -12.74 11.31
N GLU A 279 -12.80 -12.03 11.22
CA GLU A 279 -13.68 -12.20 10.06
C GLU A 279 -13.00 -11.76 8.77
N TRP A 280 -12.08 -10.81 8.85
CA TRP A 280 -11.38 -10.33 7.66
C TRP A 280 -10.23 -11.26 7.30
N ILE A 281 -9.88 -12.13 8.22
CA ILE A 281 -8.81 -13.08 7.96
C ILE A 281 -9.41 -14.33 7.35
N ASP A 282 -10.50 -14.83 7.94
CA ASP A 282 -11.13 -16.02 7.41
C ASP A 282 -11.71 -15.76 6.01
N GLY A 283 -12.21 -14.54 5.80
CA GLY A 283 -12.80 -14.19 4.53
C GLY A 283 -11.85 -13.99 3.36
N LEU A 284 -10.56 -13.80 3.65
CA LEU A 284 -9.55 -13.61 2.60
C LEU A 284 -9.37 -14.94 1.86
N LYS A 285 -9.20 -14.88 0.55
CA LYS A 285 -9.01 -16.09 -0.26
C LYS A 285 -7.54 -16.33 -0.47
N ASN A 286 -7.14 -17.60 -0.56
CA ASN A 286 -5.75 -18.00 -0.79
C ASN A 286 -4.74 -17.45 0.23
N LYS A 287 -4.99 -17.69 1.51
CA LYS A 287 -4.09 -17.21 2.54
C LYS A 287 -2.72 -17.89 2.56
N GLU A 288 -2.63 -19.12 2.05
CA GLU A 288 -1.36 -19.87 2.04
C GLU A 288 -0.27 -19.20 1.22
N VAL A 289 -0.67 -18.47 0.18
CA VAL A 289 0.34 -17.81 -0.64
C VAL A 289 0.87 -16.59 0.11
N ILE A 290 -0.02 -15.89 0.81
CA ILE A 290 0.38 -14.71 1.56
C ILE A 290 1.20 -15.12 2.78
N PHE A 291 0.79 -16.19 3.43
CA PHE A 291 1.51 -16.69 4.61
C PHE A 291 2.97 -16.97 4.27
N GLU A 292 3.18 -17.71 3.18
CA GLU A 292 4.53 -18.04 2.75
C GLU A 292 5.34 -16.78 2.50
N LEU A 293 4.72 -15.79 1.88
CA LEU A 293 5.38 -14.53 1.60
C LEU A 293 5.68 -13.76 2.91
N ALA A 294 4.80 -13.93 3.90
CA ALA A 294 4.98 -13.27 5.18
C ALA A 294 6.16 -13.91 5.91
N GLU A 295 6.23 -15.24 5.85
CA GLU A 295 7.30 -16.00 6.47
C GLU A 295 8.62 -15.50 5.90
N ARG A 296 8.63 -15.27 4.60
CA ARG A 296 9.84 -14.81 3.92
C ARG A 296 10.30 -13.46 4.47
N LEU A 297 9.45 -12.45 4.38
CA LEU A 297 9.79 -11.11 4.86
C LEU A 297 10.26 -11.17 6.31
N TYR A 298 9.66 -12.07 7.09
CA TYR A 298 10.02 -12.22 8.49
C TYR A 298 11.48 -12.66 8.57
N HIS A 299 11.82 -13.67 7.78
CA HIS A 299 13.19 -14.19 7.76
C HIS A 299 14.16 -13.10 7.31
N LEU A 300 13.82 -12.38 6.25
CA LEU A 300 14.68 -11.32 5.77
C LEU A 300 14.88 -10.26 6.84
N ALA A 301 13.77 -9.80 7.43
CA ALA A 301 13.81 -8.77 8.47
C ALA A 301 14.50 -9.27 9.74
N THR A 302 14.34 -10.55 10.04
CA THR A 302 14.91 -11.17 11.23
C THR A 302 16.44 -11.29 11.19
N GLU A 303 17.04 -11.00 10.05
CA GLU A 303 18.48 -11.09 9.89
C GLU A 303 18.93 -10.34 8.63
#